data_1WM7
#
_entry.id   1WM7
#
_entity_poly.entity_id   1
_entity_poly.type   'polypeptide(L)'
_entity_poly.pdbx_seq_one_letter_code
;ATCEDCPEHCATQNARAKCDNDKCVCEPK
;
_entity_poly.pdbx_strand_id   A
#
# COMPACT_ATOMS: atom_id res chain seq x y z
N ALA A 1 -10.07 6.03 -3.05
CA ALA A 1 -10.27 5.78 -4.47
C ALA A 1 -9.44 4.58 -4.81
N THR A 2 -10.05 3.31 -4.73
CA THR A 2 -9.40 2.11 -5.16
C THR A 2 -7.99 2.04 -4.66
N CYS A 3 -7.72 2.33 -3.34
CA CYS A 3 -6.42 2.09 -2.85
C CYS A 3 -6.27 0.58 -2.65
N GLU A 4 -7.30 -0.26 -3.15
CA GLU A 4 -7.17 -1.68 -3.31
C GLU A 4 -6.18 -1.98 -4.41
N ASP A 5 -5.71 -0.99 -5.25
CA ASP A 5 -4.73 -1.38 -6.23
C ASP A 5 -3.39 -1.07 -5.63
N CYS A 6 -3.34 -0.55 -4.35
CA CYS A 6 -2.11 -0.21 -3.78
C CYS A 6 -1.57 -1.19 -2.76
N PRO A 7 -2.31 -2.25 -2.15
CA PRO A 7 -1.95 -2.77 -0.91
C PRO A 7 -0.86 -3.74 -1.12
N GLU A 8 -0.48 -4.04 -2.38
CA GLU A 8 0.55 -4.95 -2.62
C GLU A 8 1.80 -4.20 -2.84
N HIS A 9 1.75 -2.83 -3.02
CA HIS A 9 2.88 -2.20 -3.59
C HIS A 9 3.90 -1.86 -2.53
N CYS A 10 3.59 -1.87 -1.19
CA CYS A 10 4.68 -1.63 -0.29
C CYS A 10 5.15 -2.97 0.15
N ALA A 11 4.54 -4.09 -0.41
CA ALA A 11 5.05 -5.38 -0.14
C ALA A 11 6.26 -5.52 -0.94
N THR A 12 6.46 -4.62 -1.96
CA THR A 12 7.62 -4.61 -2.72
C THR A 12 8.84 -4.53 -1.84
N GLN A 13 8.78 -3.85 -0.62
CA GLN A 13 9.95 -3.77 0.18
C GLN A 13 9.71 -4.47 1.48
N ASN A 14 8.79 -4.01 2.40
CA ASN A 14 8.79 -4.61 3.70
C ASN A 14 7.45 -5.14 4.04
N ALA A 15 6.38 -4.67 3.36
CA ALA A 15 5.20 -4.47 4.09
C ALA A 15 3.98 -4.89 3.38
N ARG A 16 2.79 -4.22 3.60
CA ARG A 16 1.69 -4.47 2.80
C ARG A 16 1.20 -3.06 2.57
N ALA A 17 -0.08 -2.62 2.24
CA ALA A 17 -0.20 -1.19 2.07
C ALA A 17 -1.58 -0.56 2.15
N LYS A 18 -1.59 0.86 2.28
CA LYS A 18 -2.71 1.74 2.55
C LYS A 18 -2.05 3.09 2.49
N CYS A 19 -2.58 4.34 2.03
CA CYS A 19 -3.82 4.60 1.37
C CYS A 19 -3.66 6.10 1.27
N ASP A 20 -2.51 6.60 0.61
CA ASP A 20 -1.97 7.95 0.84
C ASP A 20 -2.88 8.97 0.19
N ASN A 21 -2.42 10.20 -0.36
CA ASN A 21 -3.40 11.16 -0.80
C ASN A 21 -4.17 10.52 -1.88
N ASP A 22 -3.55 9.57 -2.70
CA ASP A 22 -4.35 8.68 -3.46
C ASP A 22 -3.44 7.67 -4.12
N LYS A 23 -2.22 7.39 -3.51
CA LYS A 23 -1.28 6.44 -4.07
C LYS A 23 -0.49 5.96 -2.88
N CYS A 24 -0.40 4.60 -2.57
CA CYS A 24 -0.39 4.23 -1.19
C CYS A 24 0.88 3.65 -0.66
N VAL A 25 1.03 3.38 0.74
CA VAL A 25 2.28 2.90 1.24
C VAL A 25 2.02 2.01 2.49
N CYS A 26 2.90 1.79 3.54
CA CYS A 26 3.02 0.47 4.12
C CYS A 26 2.05 0.02 5.24
N GLU A 27 1.93 -1.39 5.46
CA GLU A 27 1.35 -2.01 6.66
C GLU A 27 2.33 -3.07 7.04
N PRO A 28 2.39 -3.76 8.26
CA PRO A 28 3.38 -4.75 8.48
C PRO A 28 2.95 -6.03 7.83
N LYS A 29 3.86 -7.05 7.71
CA LYS A 29 3.56 -8.25 7.00
C LYS A 29 2.75 -9.15 7.89
N ALA A 1 -10.86 5.63 -6.83
CA ALA A 1 -9.66 4.87 -6.54
C ALA A 1 -9.93 3.93 -5.42
N THR A 2 -8.94 3.05 -4.98
CA THR A 2 -9.20 2.16 -3.92
C THR A 2 -7.88 1.59 -3.49
N CYS A 3 -7.60 1.42 -2.14
CA CYS A 3 -6.33 0.95 -1.77
C CYS A 3 -6.36 -0.57 -1.74
N GLU A 4 -7.11 -1.26 -2.74
CA GLU A 4 -6.96 -2.68 -2.90
C GLU A 4 -6.13 -2.91 -4.13
N ASP A 5 -5.68 -1.84 -4.88
CA ASP A 5 -4.79 -2.09 -5.99
C ASP A 5 -3.45 -1.76 -5.49
N CYS A 6 -3.41 -1.02 -4.36
CA CYS A 6 -2.22 -0.53 -3.88
C CYS A 6 -1.50 -1.42 -2.87
N PRO A 7 -2.12 -2.49 -2.15
CA PRO A 7 -1.55 -3.02 -1.00
C PRO A 7 -0.48 -3.95 -1.41
N GLU A 8 -0.30 -4.19 -2.75
CA GLU A 8 0.70 -5.06 -3.15
C GLU A 8 1.93 -4.26 -3.40
N HIS A 9 1.83 -2.88 -3.45
CA HIS A 9 2.91 -2.12 -3.97
C HIS A 9 3.95 -1.93 -2.91
N CYS A 10 3.63 -1.48 -1.66
CA CYS A 10 4.67 -1.31 -0.70
C CYS A 10 4.89 -2.62 -0.07
N ALA A 11 4.14 -3.70 -0.52
CA ALA A 11 4.40 -4.97 -0.02
C ALA A 11 5.65 -5.45 -0.61
N THR A 12 6.10 -4.84 -1.77
CA THR A 12 7.22 -5.31 -2.44
C THR A 12 8.44 -5.29 -1.57
N GLN A 13 8.72 -4.20 -0.79
CA GLN A 13 9.97 -4.13 -0.14
C GLN A 13 9.80 -4.29 1.31
N ASN A 14 8.76 -3.73 1.97
CA ASN A 14 8.82 -3.75 3.38
C ASN A 14 7.69 -4.47 3.99
N ALA A 15 6.42 -4.47 3.42
CA ALA A 15 5.34 -4.72 4.28
C ALA A 15 4.11 -5.26 3.58
N ARG A 16 2.83 -4.77 3.88
CA ARG A 16 1.71 -5.04 3.04
C ARG A 16 1.48 -3.64 2.47
N ALA A 17 0.23 -2.94 2.31
CA ALA A 17 0.28 -1.49 2.02
C ALA A 17 -1.05 -0.72 2.10
N LYS A 18 -1.03 0.72 2.37
CA LYS A 18 -2.25 1.55 2.63
C LYS A 18 -1.87 2.99 2.51
N CYS A 19 -2.75 4.07 2.77
CA CYS A 19 -3.76 4.58 1.88
C CYS A 19 -3.34 6.06 1.93
N ASP A 20 -2.37 6.53 1.03
CA ASP A 20 -1.53 7.72 1.25
C ASP A 20 -2.20 8.91 0.64
N ASN A 21 -1.68 10.25 0.82
CA ASN A 21 -2.45 11.42 0.44
C ASN A 21 -2.98 11.29 -0.93
N ASP A 22 -2.27 10.53 -1.83
CA ASP A 22 -2.76 10.41 -3.15
C ASP A 22 -2.44 9.05 -3.64
N LYS A 23 -1.76 8.17 -2.80
CA LYS A 23 -1.40 6.89 -3.29
C LYS A 23 -1.91 5.92 -2.31
N CYS A 24 -1.28 4.70 -2.18
CA CYS A 24 -1.44 3.95 -1.03
C CYS A 24 -0.07 3.50 -0.69
N VAL A 25 0.58 3.91 0.48
CA VAL A 25 1.94 3.55 0.63
C VAL A 25 2.01 2.33 1.53
N CYS A 26 2.16 2.30 2.95
CA CYS A 26 2.50 1.03 3.57
C CYS A 26 1.62 0.69 4.78
N GLU A 27 1.46 -0.68 5.12
CA GLU A 27 0.99 -1.12 6.43
C GLU A 27 1.80 -2.35 6.65
N PRO A 28 1.95 -3.07 7.84
CA PRO A 28 2.91 -4.12 7.95
C PRO A 28 2.39 -5.37 7.31
N LYS A 29 3.28 -6.40 7.07
CA LYS A 29 2.91 -7.58 6.35
C LYS A 29 2.01 -8.43 7.22
N ALA A 1 -8.08 6.53 -3.52
CA ALA A 1 -9.23 5.63 -3.60
C ALA A 1 -8.78 4.32 -4.13
N THR A 2 -9.61 3.21 -4.03
CA THR A 2 -9.22 1.93 -4.53
C THR A 2 -7.86 1.62 -3.95
N CYS A 3 -7.60 1.99 -2.64
CA CYS A 3 -6.28 1.82 -2.15
C CYS A 3 -6.06 0.37 -1.79
N GLU A 4 -6.87 -0.60 -2.39
CA GLU A 4 -6.51 -1.99 -2.39
C GLU A 4 -5.57 -2.28 -3.54
N ASP A 5 -4.88 -1.28 -4.21
CA ASP A 5 -4.22 -1.63 -5.45
C ASP A 5 -2.67 -1.91 -5.38
N CYS A 6 -1.56 -1.32 -4.61
CA CYS A 6 -1.51 -0.41 -3.45
C CYS A 6 -0.96 -1.34 -2.32
N PRO A 7 -1.72 -2.29 -1.52
CA PRO A 7 -1.13 -3.27 -0.65
C PRO A 7 0.07 -3.88 -1.17
N GLU A 8 0.00 -4.37 -2.40
CA GLU A 8 1.00 -5.16 -2.91
C GLU A 8 2.15 -4.29 -3.31
N HIS A 9 1.95 -2.95 -3.45
CA HIS A 9 3.00 -2.14 -3.93
C HIS A 9 3.95 -1.80 -2.81
N CYS A 10 3.63 -2.06 -1.50
CA CYS A 10 4.63 -1.74 -0.53
C CYS A 10 5.19 -3.04 -0.08
N ALA A 11 4.58 -4.20 -0.58
CA ALA A 11 5.13 -5.49 -0.37
C ALA A 11 6.28 -5.63 -1.29
N THR A 12 6.49 -4.61 -2.20
CA THR A 12 7.65 -4.55 -2.98
C THR A 12 8.86 -4.73 -2.12
N GLN A 13 8.86 -4.25 -0.80
CA GLN A 13 10.07 -4.35 -0.07
C GLN A 13 9.82 -4.62 1.39
N ASN A 14 8.92 -3.86 2.17
CA ASN A 14 8.88 -4.13 3.56
C ASN A 14 7.58 -4.71 3.93
N ALA A 15 6.43 -4.32 3.25
CA ALA A 15 5.22 -4.32 3.97
C ALA A 15 4.00 -4.75 3.16
N ARG A 16 2.78 -4.09 3.35
CA ARG A 16 1.61 -4.42 2.62
C ARG A 16 1.03 -3.03 2.45
N ALA A 17 -0.32 -2.59 2.34
CA ALA A 17 -0.49 -1.12 2.23
C ALA A 17 -1.79 -0.44 2.53
N LYS A 18 -1.82 0.99 2.39
CA LYS A 18 -2.88 1.79 2.90
C LYS A 18 -3.20 2.83 1.85
N CYS A 19 -3.23 4.24 2.17
CA CYS A 19 -3.75 5.16 1.22
C CYS A 19 -2.99 6.50 1.40
N ASP A 20 -2.08 6.98 0.44
CA ASP A 20 -1.52 8.35 0.53
C ASP A 20 -2.56 9.21 -0.12
N ASN A 21 -2.47 10.63 -0.10
CA ASN A 21 -3.45 11.53 -0.69
C ASN A 21 -4.18 10.88 -1.82
N ASP A 22 -3.48 10.19 -2.79
CA ASP A 22 -4.20 9.45 -3.76
C ASP A 22 -3.63 8.09 -3.89
N LYS A 23 -2.27 7.89 -3.85
CA LYS A 23 -1.74 6.63 -4.24
C LYS A 23 -1.28 5.96 -3.02
N CYS A 24 -1.07 4.61 -2.91
CA CYS A 24 -1.24 4.01 -1.64
C CYS A 24 0.00 3.40 -1.03
N VAL A 25 0.10 3.26 0.40
CA VAL A 25 1.33 2.78 1.08
C VAL A 25 1.05 2.87 2.61
N CYS A 26 1.54 2.04 3.77
CA CYS A 26 2.13 0.67 3.81
C CYS A 26 1.43 -0.04 5.01
N GLU A 27 1.40 -1.46 5.13
CA GLU A 27 0.83 -2.15 6.31
C GLU A 27 1.84 -3.12 6.74
N PRO A 28 1.85 -3.74 7.99
CA PRO A 28 2.76 -4.75 8.26
C PRO A 28 2.25 -5.99 7.60
N LYS A 29 3.14 -7.00 7.37
CA LYS A 29 2.77 -8.18 6.66
C LYS A 29 1.91 -9.04 7.54
N ALA A 1 -9.58 4.41 -8.51
CA ALA A 1 -9.40 3.18 -7.75
C ALA A 1 -9.34 3.51 -6.29
N THR A 2 -9.10 2.53 -5.36
CA THR A 2 -9.08 2.86 -4.00
C THR A 2 -7.82 2.38 -3.42
N CYS A 3 -7.62 2.37 -2.04
CA CYS A 3 -6.42 1.86 -1.52
C CYS A 3 -6.52 0.35 -1.38
N GLU A 4 -7.27 -0.31 -2.37
CA GLU A 4 -7.14 -1.67 -2.73
C GLU A 4 -6.11 -1.75 -3.83
N ASP A 5 -5.48 -0.61 -4.35
CA ASP A 5 -4.84 -0.76 -5.62
C ASP A 5 -3.31 -1.15 -5.66
N CYS A 6 -2.16 -0.81 -4.79
CA CYS A 6 -2.03 -0.09 -3.51
C CYS A 6 -1.56 -1.07 -2.46
N PRO A 7 -2.23 -2.27 -2.08
CA PRO A 7 -1.98 -2.90 -0.84
C PRO A 7 -0.84 -3.85 -1.02
N GLU A 8 -0.43 -4.20 -2.27
CA GLU A 8 0.67 -5.07 -2.43
C GLU A 8 1.84 -4.23 -2.69
N HIS A 9 1.64 -2.89 -2.92
CA HIS A 9 2.67 -2.16 -3.55
C HIS A 9 3.73 -1.80 -2.56
N CYS A 10 3.62 -2.15 -1.24
CA CYS A 10 4.70 -1.86 -0.40
C CYS A 10 5.28 -3.17 0.02
N ALA A 11 4.63 -4.35 -0.38
CA ALA A 11 5.21 -5.64 -0.17
C ALA A 11 6.36 -5.72 -1.05
N THR A 12 6.36 -4.87 -2.14
CA THR A 12 7.47 -4.65 -2.97
C THR A 12 8.76 -4.62 -2.18
N GLN A 13 8.76 -4.03 -0.90
CA GLN A 13 9.94 -3.98 -0.12
C GLN A 13 9.63 -4.53 1.23
N ASN A 14 8.66 -3.92 2.02
CA ASN A 14 8.60 -4.26 3.40
C ASN A 14 7.32 -4.94 3.77
N ALA A 15 6.17 -4.66 3.08
CA ALA A 15 5.00 -4.50 3.83
C ALA A 15 3.74 -5.05 3.25
N ARG A 16 2.53 -4.59 3.75
CA ARG A 16 1.31 -4.83 3.09
C ARG A 16 0.98 -3.39 2.75
N ALA A 17 -0.28 -2.79 2.48
CA ALA A 17 -0.20 -1.35 2.23
C ALA A 17 -1.50 -0.51 2.31
N LYS A 18 -1.33 0.90 2.54
CA LYS A 18 -2.40 1.87 2.78
C LYS A 18 -1.77 3.22 2.62
N CYS A 19 -2.40 4.47 2.37
CA CYS A 19 -3.73 4.71 1.92
C CYS A 19 -3.49 6.18 1.76
N ASP A 20 -2.51 6.54 0.83
CA ASP A 20 -1.60 7.66 1.02
C ASP A 20 -2.33 8.91 0.71
N ASN A 21 -1.70 10.15 0.47
CA ASN A 21 -2.48 11.33 0.25
C ASN A 21 -3.48 11.02 -0.80
N ASP A 22 -3.19 9.98 -1.71
CA ASP A 22 -4.21 9.43 -2.52
C ASP A 22 -3.75 8.11 -3.15
N LYS A 23 -2.51 7.42 -2.82
CA LYS A 23 -2.03 6.54 -3.89
C LYS A 23 -0.96 5.39 -3.77
N CYS A 24 -0.68 4.40 -2.75
CA CYS A 24 -1.13 4.31 -1.44
C CYS A 24 0.08 3.67 -0.74
N VAL A 25 0.57 4.01 0.54
CA VAL A 25 1.92 3.56 0.92
C VAL A 25 1.82 2.31 1.86
N CYS A 26 2.36 2.15 3.18
CA CYS A 26 2.60 0.78 3.71
C CYS A 26 1.74 0.33 4.93
N GLU A 27 1.71 -1.08 5.21
CA GLU A 27 1.19 -1.69 6.46
C GLU A 27 2.25 -2.67 6.85
N PRO A 28 2.32 -3.40 8.04
CA PRO A 28 3.31 -4.40 8.19
C PRO A 28 2.84 -5.63 7.46
N LYS A 29 3.76 -6.62 7.17
CA LYS A 29 3.40 -7.77 6.40
C LYS A 29 2.53 -8.68 7.22
N ALA A 1 -10.77 3.76 -8.31
CA ALA A 1 -9.67 2.99 -7.74
C ALA A 1 -9.63 3.24 -6.27
N THR A 2 -9.39 2.21 -5.41
CA THR A 2 -9.35 2.44 -4.03
C THR A 2 -8.06 1.96 -3.52
N CYS A 3 -7.74 2.11 -2.20
CA CYS A 3 -6.57 1.52 -1.73
C CYS A 3 -6.91 0.04 -1.45
N GLU A 4 -7.20 -0.76 -2.61
CA GLU A 4 -7.28 -2.20 -2.61
C GLU A 4 -6.21 -2.66 -3.55
N ASP A 5 -5.86 -1.90 -4.64
CA ASP A 5 -4.78 -2.34 -5.47
C ASP A 5 -3.56 -1.94 -4.76
N CYS A 6 -3.67 -0.87 -3.91
CA CYS A 6 -2.54 -0.37 -3.28
C CYS A 6 -1.96 -1.41 -2.34
N PRO A 7 -2.73 -2.22 -1.43
CA PRO A 7 -2.23 -3.38 -0.72
C PRO A 7 -1.13 -4.23 -1.30
N GLU A 8 -0.58 -4.00 -2.54
CA GLU A 8 0.47 -4.80 -2.98
C GLU A 8 1.68 -3.93 -3.23
N HIS A 9 1.52 -2.57 -3.40
CA HIS A 9 2.57 -1.74 -3.86
C HIS A 9 3.64 -1.47 -2.79
N CYS A 10 3.51 -1.91 -1.48
CA CYS A 10 4.59 -1.67 -0.58
C CYS A 10 5.05 -2.99 -0.13
N ALA A 11 4.43 -4.10 -0.70
CA ALA A 11 4.98 -5.39 -0.54
C ALA A 11 6.17 -5.42 -1.40
N THR A 12 6.34 -4.34 -2.27
CA THR A 12 7.50 -4.12 -2.99
C THR A 12 8.73 -4.33 -2.13
N GLN A 13 8.75 -3.93 -0.78
CA GLN A 13 9.97 -4.10 -0.06
C GLN A 13 9.81 -3.98 1.44
N ASN A 14 8.69 -3.42 2.02
CA ASN A 14 8.67 -3.25 3.44
C ASN A 14 7.49 -3.85 4.02
N ALA A 15 6.34 -4.00 3.30
CA ALA A 15 5.14 -4.05 4.03
C ALA A 15 3.99 -4.53 3.23
N ARG A 16 2.70 -4.10 3.53
CA ARG A 16 1.64 -4.44 2.68
C ARG A 16 1.17 -3.07 2.29
N ALA A 17 -0.15 -2.57 2.30
CA ALA A 17 -0.25 -1.16 1.98
C ALA A 17 -1.48 -0.41 2.35
N LYS A 18 -1.31 0.97 2.56
CA LYS A 18 -2.36 1.90 2.73
C LYS A 18 -1.65 3.22 2.93
N CYS A 19 -2.14 4.53 2.67
CA CYS A 19 -3.31 4.89 1.95
C CYS A 19 -3.02 6.39 1.85
N ASP A 20 -1.76 6.75 1.26
CA ASP A 20 -1.07 8.04 1.48
C ASP A 20 -1.84 9.18 0.80
N ASN A 21 -1.25 10.43 0.46
CA ASN A 21 -2.08 11.51 0.08
C ASN A 21 -2.76 11.21 -1.20
N ASP A 22 -2.20 10.33 -2.08
CA ASP A 22 -2.85 10.10 -3.32
C ASP A 22 -2.47 8.79 -3.86
N LYS A 23 -1.49 8.08 -3.21
CA LYS A 23 -1.16 6.78 -3.61
C LYS A 23 -0.85 6.09 -2.37
N CYS A 24 -0.89 4.74 -2.28
CA CYS A 24 -1.03 4.17 -1.03
C CYS A 24 0.20 3.48 -0.62
N VAL A 25 0.68 3.56 0.68
CA VAL A 25 2.00 3.09 0.88
C VAL A 25 2.01 1.85 1.79
N CYS A 26 2.08 1.80 3.21
CA CYS A 26 2.46 0.51 3.81
C CYS A 26 1.60 0.02 4.99
N GLU A 27 1.61 -1.40 5.27
CA GLU A 27 0.99 -2.03 6.45
C GLU A 27 1.93 -3.11 6.86
N PRO A 28 1.91 -3.85 8.05
CA PRO A 28 2.89 -4.85 8.26
C PRO A 28 2.49 -6.09 7.49
N LYS A 29 3.42 -7.09 7.33
CA LYS A 29 3.14 -8.24 6.51
C LYS A 29 2.34 -9.21 7.32
N ALA A 1 -11.38 3.52 -7.26
CA ALA A 1 -9.95 3.77 -7.10
C ALA A 1 -9.68 3.73 -5.64
N THR A 2 -9.99 2.61 -4.93
CA THR A 2 -9.75 2.58 -3.56
C THR A 2 -8.34 2.12 -3.37
N CYS A 3 -7.77 2.13 -2.11
CA CYS A 3 -6.42 1.72 -1.97
C CYS A 3 -6.34 0.20 -1.98
N GLU A 4 -7.21 -0.56 -2.81
CA GLU A 4 -7.09 -1.97 -2.87
C GLU A 4 -6.32 -2.34 -4.07
N ASP A 5 -5.81 -1.36 -4.91
CA ASP A 5 -4.94 -1.77 -5.97
C ASP A 5 -3.59 -1.36 -5.50
N CYS A 6 -3.51 -0.82 -4.25
CA CYS A 6 -2.29 -0.41 -3.76
C CYS A 6 -1.72 -1.34 -2.69
N PRO A 7 -2.39 -2.50 -2.14
CA PRO A 7 -2.07 -3.01 -0.87
C PRO A 7 -0.95 -3.97 -1.03
N GLU A 8 -0.39 -4.12 -2.27
CA GLU A 8 0.68 -4.98 -2.48
C GLU A 8 1.86 -4.14 -2.77
N HIS A 9 1.67 -2.80 -3.09
CA HIS A 9 2.72 -2.06 -3.69
C HIS A 9 3.82 -1.78 -2.70
N CYS A 10 3.68 -2.08 -1.37
CA CYS A 10 4.76 -1.75 -0.51
C CYS A 10 5.34 -3.02 0.00
N ALA A 11 4.78 -4.22 -0.49
CA ALA A 11 5.40 -5.47 -0.20
C ALA A 11 6.64 -5.50 -0.97
N THR A 12 6.72 -4.60 -2.02
CA THR A 12 7.89 -4.35 -2.73
C THR A 12 9.10 -4.33 -1.83
N GLN A 13 9.01 -3.78 -0.53
CA GLN A 13 10.17 -3.86 0.31
C GLN A 13 9.77 -4.37 1.67
N ASN A 14 8.71 -3.84 2.39
CA ASN A 14 8.56 -4.24 3.75
C ASN A 14 7.22 -4.82 4.05
N ALA A 15 6.15 -4.53 3.25
CA ALA A 15 4.92 -4.32 3.88
C ALA A 15 3.70 -4.87 3.23
N ARG A 16 2.46 -4.61 3.78
CA ARG A 16 1.28 -4.81 3.02
C ARG A 16 0.99 -3.37 2.62
N ALA A 17 -0.26 -2.78 2.30
CA ALA A 17 -0.20 -1.35 2.00
C ALA A 17 -1.51 -0.56 2.01
N LYS A 18 -1.44 0.84 2.31
CA LYS A 18 -2.57 1.77 2.50
C LYS A 18 -1.96 3.15 2.49
N CYS A 19 -2.57 4.43 2.28
CA CYS A 19 -3.73 4.83 1.53
C CYS A 19 -3.27 6.27 1.51
N ASP A 20 -2.35 6.69 0.57
CA ASP A 20 -1.29 7.61 0.96
C ASP A 20 -1.78 9.02 0.88
N ASN A 21 -0.94 10.12 0.61
CA ASN A 21 -1.48 11.40 0.44
C ASN A 21 -2.40 11.34 -0.71
N ASP A 22 -2.33 10.24 -1.58
CA ASP A 22 -3.42 10.01 -2.43
C ASP A 22 -3.37 8.58 -3.02
N LYS A 23 -2.22 7.71 -2.86
CA LYS A 23 -1.99 6.77 -3.96
C LYS A 23 -0.92 5.61 -3.94
N CYS A 24 -0.58 4.63 -2.97
CA CYS A 24 -0.98 4.51 -1.65
C CYS A 24 0.29 4.00 -0.96
N VAL A 25 0.53 3.94 0.44
CA VAL A 25 1.86 3.48 0.86
C VAL A 25 1.71 2.25 1.80
N CYS A 26 2.28 2.09 3.11
CA CYS A 26 2.53 0.73 3.64
C CYS A 26 1.67 0.25 4.83
N GLU A 27 1.70 -1.16 5.15
CA GLU A 27 1.18 -1.76 6.40
C GLU A 27 2.23 -2.75 6.82
N PRO A 28 2.25 -3.50 8.00
CA PRO A 28 3.22 -4.52 8.17
C PRO A 28 2.75 -5.75 7.44
N LYS A 29 3.63 -6.78 7.27
CA LYS A 29 3.27 -7.95 6.50
C LYS A 29 2.43 -8.84 7.35
N ALA A 1 -7.77 6.71 -4.37
CA ALA A 1 -8.97 5.87 -4.45
C ALA A 1 -8.55 4.47 -4.77
N THR A 2 -9.55 3.46 -4.95
CA THR A 2 -9.24 2.06 -5.19
C THR A 2 -7.97 1.68 -4.50
N CYS A 3 -7.79 2.00 -3.17
CA CYS A 3 -6.58 1.66 -2.58
C CYS A 3 -6.56 0.17 -2.26
N GLU A 4 -7.39 -0.73 -3.00
CA GLU A 4 -7.28 -2.13 -2.88
C GLU A 4 -6.35 -2.63 -3.93
N ASP A 5 -5.78 -1.74 -4.81
CA ASP A 5 -4.81 -2.20 -5.76
C ASP A 5 -3.54 -1.60 -5.34
N CYS A 6 -3.55 -0.89 -4.16
CA CYS A 6 -2.36 -0.41 -3.64
C CYS A 6 -1.76 -1.30 -2.57
N PRO A 7 -2.45 -2.31 -1.84
CA PRO A 7 -1.99 -2.76 -0.62
C PRO A 7 -0.92 -3.74 -0.86
N GLU A 8 -0.64 -4.15 -2.12
CA GLU A 8 0.38 -5.09 -2.32
C GLU A 8 1.60 -4.36 -2.69
N HIS A 9 1.53 -2.99 -2.86
CA HIS A 9 2.58 -2.35 -3.54
C HIS A 9 3.73 -2.08 -2.59
N CYS A 10 3.52 -2.01 -1.23
CA CYS A 10 4.66 -1.79 -0.39
C CYS A 10 5.16 -3.11 0.05
N ALA A 11 4.61 -4.26 -0.52
CA ALA A 11 5.18 -5.52 -0.25
C ALA A 11 6.47 -5.56 -0.94
N THR A 12 6.71 -4.64 -1.92
CA THR A 12 7.93 -4.60 -2.60
C THR A 12 9.05 -4.32 -1.63
N GLN A 13 8.88 -3.39 -0.61
CA GLN A 13 9.97 -3.07 0.24
C GLN A 13 9.68 -3.56 1.59
N ASN A 14 8.55 -3.17 2.25
CA ASN A 14 8.40 -3.59 3.59
C ASN A 14 7.40 -4.68 3.62
N ALA A 15 6.06 -4.48 3.32
CA ALA A 15 5.19 -5.53 3.66
C ALA A 15 3.84 -5.41 3.03
N ARG A 16 3.00 -4.35 3.27
CA ARG A 16 1.71 -4.38 2.63
C ARG A 16 1.29 -2.95 2.47
N ALA A 17 -0.03 -2.45 2.26
CA ALA A 17 -0.14 -1.02 2.08
C ALA A 17 -1.51 -0.38 2.24
N LYS A 18 -1.56 1.05 2.20
CA LYS A 18 -2.66 1.91 2.54
C LYS A 18 -2.10 3.27 2.25
N CYS A 19 -2.71 4.43 1.73
CA CYS A 19 -4.03 4.65 1.21
C CYS A 19 -3.92 6.14 1.21
N ASP A 20 -2.76 6.66 0.62
CA ASP A 20 -2.15 7.93 1.01
C ASP A 20 -2.92 9.03 0.33
N ASN A 21 -2.36 10.31 0.05
CA ASN A 21 -3.20 11.35 -0.45
C ASN A 21 -3.89 10.88 -1.67
N ASP A 22 -3.29 9.91 -2.44
CA ASP A 22 -4.06 9.20 -3.40
C ASP A 22 -3.33 7.94 -3.74
N LYS A 23 -1.99 7.84 -3.39
CA LYS A 23 -1.21 6.75 -3.87
C LYS A 23 -0.62 6.09 -2.68
N CYS A 24 -0.67 4.73 -2.52
CA CYS A 24 -0.70 4.17 -1.20
C CYS A 24 0.58 3.51 -0.76
N VAL A 25 0.94 3.46 0.62
CA VAL A 25 2.16 2.81 0.99
C VAL A 25 1.98 2.07 2.37
N CYS A 26 3.01 1.76 3.26
CA CYS A 26 3.07 0.44 3.91
C CYS A 26 2.04 0.03 4.98
N GLU A 27 1.88 -1.37 5.19
CA GLU A 27 1.27 -1.99 6.37
C GLU A 27 2.26 -3.06 6.74
N PRO A 28 2.25 -3.79 7.97
CA PRO A 28 3.20 -4.81 8.22
C PRO A 28 2.70 -6.11 7.62
N LYS A 29 3.62 -7.13 7.42
CA LYS A 29 3.27 -8.34 6.73
C LYS A 29 2.43 -9.20 7.62
N ALA A 1 -9.58 2.14 -7.79
CA ALA A 1 -10.38 1.31 -6.90
C ALA A 1 -9.81 1.47 -5.54
N THR A 2 -9.87 2.73 -4.92
CA THR A 2 -9.36 2.99 -3.60
C THR A 2 -7.96 2.50 -3.44
N CYS A 3 -7.41 2.46 -2.19
CA CYS A 3 -6.22 1.80 -1.96
C CYS A 3 -6.62 0.35 -1.85
N GLU A 4 -6.94 -0.34 -3.05
CA GLU A 4 -7.10 -1.76 -3.10
C GLU A 4 -5.86 -2.28 -3.71
N ASP A 5 -5.19 -1.58 -4.70
CA ASP A 5 -4.01 -2.18 -5.26
C ASP A 5 -2.95 -1.96 -4.29
N CYS A 6 -2.57 -0.65 -3.93
CA CYS A 6 -1.51 -0.36 -3.00
C CYS A 6 -1.34 -1.37 -1.91
N PRO A 7 -2.41 -1.99 -1.16
CA PRO A 7 -2.29 -3.25 -0.44
C PRO A 7 -1.25 -4.25 -0.96
N GLU A 8 -0.72 -4.09 -2.22
CA GLU A 8 0.26 -4.93 -2.74
C GLU A 8 1.50 -4.12 -2.99
N HIS A 9 1.39 -2.80 -3.41
CA HIS A 9 2.51 -2.09 -3.94
C HIS A 9 3.57 -1.82 -2.89
N CYS A 10 3.37 -2.08 -1.55
CA CYS A 10 4.43 -1.77 -0.64
C CYS A 10 5.01 -3.05 -0.15
N ALA A 11 4.43 -4.23 -0.58
CA ALA A 11 5.05 -5.47 -0.31
C ALA A 11 6.23 -5.54 -1.18
N THR A 12 6.29 -4.62 -2.21
CA THR A 12 7.40 -4.47 -3.04
C THR A 12 8.68 -4.34 -2.22
N GLN A 13 8.65 -3.67 -0.99
CA GLN A 13 9.86 -3.49 -0.25
C GLN A 13 9.68 -4.00 1.12
N ASN A 14 8.65 -3.53 1.89
CA ASN A 14 8.71 -3.67 3.30
C ASN A 14 7.53 -4.37 3.80
N ALA A 15 6.33 -4.16 3.21
CA ALA A 15 5.21 -4.21 4.03
C ALA A 15 4.02 -4.85 3.39
N ARG A 16 2.78 -4.51 3.83
CA ARG A 16 1.63 -4.87 3.13
C ARG A 16 1.13 -3.50 2.84
N ALA A 17 -0.20 -3.03 2.77
CA ALA A 17 -0.27 -1.63 2.46
C ALA A 17 -1.54 -0.83 2.71
N LYS A 18 -1.37 0.59 2.81
CA LYS A 18 -2.41 1.52 3.21
C LYS A 18 -2.66 2.57 2.12
N CYS A 19 -2.99 3.92 2.51
CA CYS A 19 -3.45 4.85 1.61
C CYS A 19 -2.54 6.08 1.84
N ASP A 20 -1.97 6.84 0.79
CA ASP A 20 -0.92 7.81 1.07
C ASP A 20 -1.60 9.15 0.99
N ASN A 21 -1.01 10.33 0.53
CA ASN A 21 -1.84 11.48 0.47
C ASN A 21 -2.80 11.24 -0.63
N ASP A 22 -2.35 10.67 -1.82
CA ASP A 22 -3.26 10.37 -2.87
C ASP A 22 -2.79 9.10 -3.49
N LYS A 23 -1.44 8.84 -3.45
CA LYS A 23 -0.88 7.76 -4.21
C LYS A 23 -0.38 6.73 -3.19
N CYS A 24 -1.33 5.87 -2.76
CA CYS A 24 -1.24 4.94 -1.68
C CYS A 24 0.07 4.13 -1.48
N VAL A 25 0.33 3.58 -0.13
CA VAL A 25 1.65 3.06 0.27
C VAL A 25 1.47 2.01 1.43
N CYS A 26 2.15 1.98 2.75
CA CYS A 26 2.40 0.67 3.50
C CYS A 26 1.54 0.29 4.78
N GLU A 27 1.44 -1.14 5.15
CA GLU A 27 0.87 -1.72 6.43
C GLU A 27 1.88 -2.76 6.86
N PRO A 28 1.83 -3.58 8.02
CA PRO A 28 2.76 -4.65 8.18
C PRO A 28 2.25 -5.87 7.45
N LYS A 29 3.14 -6.90 7.17
CA LYS A 29 2.73 -8.06 6.44
C LYS A 29 1.89 -8.93 7.32
N ALA A 1 -9.84 5.55 -2.76
CA ALA A 1 -9.62 5.59 -4.20
C ALA A 1 -9.21 4.24 -4.61
N THR A 2 -10.01 3.15 -4.21
CA THR A 2 -9.63 1.78 -4.44
C THR A 2 -8.22 1.66 -4.04
N CYS A 3 -7.80 2.23 -2.86
CA CYS A 3 -6.48 2.07 -2.45
C CYS A 3 -6.30 0.65 -1.91
N GLU A 4 -7.15 -0.37 -2.39
CA GLU A 4 -6.84 -1.73 -2.27
C GLU A 4 -5.93 -2.14 -3.41
N ASP A 5 -5.35 -1.22 -4.29
CA ASP A 5 -4.81 -1.73 -5.54
C ASP A 5 -3.23 -1.81 -5.74
N CYS A 6 -2.08 -1.25 -4.98
CA CYS A 6 -1.99 -0.38 -3.81
C CYS A 6 -1.60 -1.18 -2.56
N PRO A 7 -2.11 -2.48 -2.17
CA PRO A 7 -1.87 -3.01 -0.89
C PRO A 7 -0.71 -3.95 -0.99
N GLU A 8 -0.20 -4.21 -2.23
CA GLU A 8 0.85 -5.08 -2.43
C GLU A 8 2.00 -4.23 -2.75
N HIS A 9 1.74 -2.90 -3.03
CA HIS A 9 2.76 -2.10 -3.57
C HIS A 9 3.76 -1.68 -2.54
N CYS A 10 3.64 -2.06 -1.21
CA CYS A 10 4.67 -1.66 -0.30
C CYS A 10 5.40 -2.89 0.09
N ALA A 11 4.90 -4.12 -0.35
CA ALA A 11 5.63 -5.33 -0.16
C ALA A 11 6.80 -5.25 -1.04
N THR A 12 6.71 -4.36 -2.09
CA THR A 12 7.80 -4.03 -2.91
C THR A 12 9.06 -3.84 -2.12
N GLN A 13 9.00 -3.24 -0.86
CA GLN A 13 10.18 -3.04 -0.10
C GLN A 13 10.01 -3.73 1.21
N ASN A 14 9.00 -3.33 2.08
CA ASN A 14 9.08 -3.74 3.43
C ASN A 14 7.76 -4.12 4.01
N ALA A 15 6.58 -4.09 3.30
CA ALA A 15 5.38 -4.19 4.03
C ALA A 15 4.22 -4.85 3.28
N ARG A 16 2.93 -4.42 3.54
CA ARG A 16 1.77 -4.87 2.86
C ARG A 16 1.26 -3.50 2.51
N ALA A 17 -0.05 -3.09 2.22
CA ALA A 17 -0.18 -1.67 2.07
C ALA A 17 -1.52 -1.03 2.24
N LYS A 18 -1.61 0.39 2.05
CA LYS A 18 -2.81 1.12 2.29
C LYS A 18 -2.92 2.24 1.30
N CYS A 19 -2.67 3.58 1.67
CA CYS A 19 -3.38 4.56 1.00
C CYS A 19 -2.57 5.83 1.18
N ASP A 20 -1.99 6.48 0.10
CA ASP A 20 -0.89 7.40 0.32
C ASP A 20 -1.48 8.78 0.31
N ASN A 21 -0.80 9.95 -0.15
CA ASN A 21 -1.49 11.21 -0.19
C ASN A 21 -2.72 10.98 -0.98
N ASP A 22 -2.65 10.07 -2.02
CA ASP A 22 -3.85 9.55 -2.58
C ASP A 22 -3.52 8.23 -3.29
N LYS A 23 -2.21 7.63 -3.19
CA LYS A 23 -1.80 6.78 -4.29
C LYS A 23 -0.63 5.76 -4.12
N CYS A 24 -0.49 4.60 -3.27
CA CYS A 24 -1.29 4.16 -2.19
C CYS A 24 -0.31 3.33 -1.33
N VAL A 25 -0.13 3.44 0.08
CA VAL A 25 0.93 2.66 0.78
C VAL A 25 0.79 2.92 2.31
N CYS A 26 1.24 2.15 3.55
CA CYS A 26 1.80 0.76 3.71
C CYS A 26 1.02 0.07 4.87
N GLU A 27 1.12 -1.36 5.10
CA GLU A 27 0.68 -2.01 6.37
C GLU A 27 1.76 -2.97 6.71
N PRO A 28 1.90 -3.63 7.94
CA PRO A 28 2.80 -4.69 8.08
C PRO A 28 2.10 -5.95 7.63
N LYS A 29 2.78 -7.15 7.57
CA LYS A 29 2.09 -8.35 7.20
C LYS A 29 1.14 -8.69 8.30
#